data_3FEU
#
_entry.id   3FEU
#
_cell.length_a   47.807
_cell.length_b   55.737
_cell.length_c   62.521
_cell.angle_alpha   90.00
_cell.angle_beta   90.00
_cell.angle_gamma   90.00
#
_symmetry.space_group_name_H-M   'P 21 21 21'
#
loop_
_entity.id
_entity.type
_entity.pdbx_description
1 polymer 'putative Lipoprotein'
2 non-polymer 'MAGNESIUM ION'
3 water water
#
_entity_poly.entity_id   1
_entity_poly.type   'polypeptide(L)'
_entity_poly.pdbx_seq_one_letter_code
;SNADPKEGVQYEVLSTSLENDG(MSE)APVTEVFALSCGHCRN(MSE)ENFLPVISQEAGTDIGK(MSE)HITFNQSAHI
AS(MSE)FYYAAE(MSE)QVDGAPDHAF(MSE)EDLFAATQ(MSE)GEGTTLTEQQEAYSKAFTSRGLVSPYDFNEEQRD
TLIKKVDNAK(MSE)LSEKSGISSVPTFVVNGKYNVLIGGHDDPKQIADTIRYLLEK
;
_entity_poly.pdbx_strand_id   A
#
# COMPACT_ATOMS: atom_id res chain seq x y z
N ALA A 3 13.51 -4.23 25.76
CA ALA A 3 12.78 -3.08 25.13
C ALA A 3 13.21 -2.88 23.67
N ASP A 4 14.45 -3.25 23.33
CA ASP A 4 14.87 -3.28 21.91
C ASP A 4 14.00 -4.25 21.14
N PRO A 5 13.49 -3.84 19.97
CA PRO A 5 12.81 -4.78 19.08
C PRO A 5 13.75 -5.94 18.71
N LYS A 6 13.21 -7.15 18.57
CA LYS A 6 14.01 -8.35 18.30
C LYS A 6 13.65 -9.05 17.01
N GLU A 7 14.70 -9.41 16.28
CA GLU A 7 14.57 -10.17 15.04
C GLU A 7 13.80 -11.45 15.30
N GLY A 8 12.84 -11.75 14.45
CA GLY A 8 11.98 -12.89 14.62
C GLY A 8 10.74 -12.68 15.45
N VAL A 9 10.68 -11.55 16.19
CA VAL A 9 9.53 -11.21 17.00
C VAL A 9 8.84 -9.89 16.54
N GLN A 10 9.53 -8.74 16.62
N GLN A 10 9.60 -8.79 16.61
CA GLN A 10 8.90 -7.53 16.08
CA GLN A 10 9.10 -7.47 16.19
C GLN A 10 9.37 -7.14 14.68
C GLN A 10 9.36 -7.18 14.70
N TYR A 11 10.28 -7.91 14.10
CA TYR A 11 10.65 -7.73 12.66
C TYR A 11 11.47 -8.91 12.14
N GLU A 12 11.56 -9.02 10.82
CA GLU A 12 12.46 -10.00 10.21
C GLU A 12 13.24 -9.31 9.10
N VAL A 13 14.38 -9.89 8.77
CA VAL A 13 15.22 -9.42 7.67
C VAL A 13 14.69 -10.11 6.44
N LEU A 14 14.22 -9.37 5.43
CA LEU A 14 13.76 -10.00 4.16
C LEU A 14 14.82 -10.89 3.52
N SER A 15 14.44 -12.06 3.01
CA SER A 15 15.48 -12.99 2.56
C SER A 15 16.18 -12.41 1.36
N THR A 16 15.41 -11.77 0.46
CA THR A 16 15.95 -11.02 -0.67
C THR A 16 15.74 -9.51 -0.44
N SER A 17 16.82 -8.78 -0.21
CA SER A 17 16.73 -7.38 0.16
C SER A 17 16.19 -6.57 -1.00
N LEU A 18 15.34 -5.59 -0.68
CA LEU A 18 14.92 -4.57 -1.64
C LEU A 18 15.56 -3.19 -1.37
N GLU A 19 16.68 -3.18 -0.66
N GLU A 19 16.69 -3.15 -0.67
CA GLU A 19 17.38 -1.96 -0.28
CA GLU A 19 17.24 -1.87 -0.23
C GLU A 19 17.59 -0.97 -1.41
C GLU A 19 17.65 -0.94 -1.39
N ASN A 20 17.91 -1.50 -2.57
CA ASN A 20 18.36 -0.70 -3.72
C ASN A 20 17.31 -0.56 -4.80
N ASP A 21 16.05 -0.89 -4.47
CA ASP A 21 14.95 -0.90 -5.45
C ASP A 21 14.02 0.34 -5.36
N GLY A 22 14.41 1.35 -4.60
CA GLY A 22 13.73 2.66 -4.67
C GLY A 22 12.40 2.85 -3.96
N ALA A 24 10.02 3.88 -0.69
CA ALA A 24 10.09 4.83 0.42
C ALA A 24 10.77 4.15 1.57
N PRO A 25 11.65 4.89 2.28
CA PRO A 25 12.34 4.31 3.42
C PRO A 25 11.39 3.61 4.40
N VAL A 26 10.15 4.09 4.53
CA VAL A 26 9.15 3.34 5.27
C VAL A 26 7.96 3.18 4.34
N THR A 27 7.69 1.94 3.96
CA THR A 27 6.62 1.57 3.04
C THR A 27 5.60 0.65 3.67
N GLU A 28 4.32 1.07 3.62
CA GLU A 28 3.20 0.18 3.99
C GLU A 28 2.86 -0.70 2.77
N VAL A 29 2.99 -1.99 2.95
CA VAL A 29 2.62 -2.96 1.91
C VAL A 29 1.19 -3.40 2.26
N PHE A 30 0.27 -3.27 1.31
CA PHE A 30 -1.17 -3.45 1.58
C PHE A 30 -1.86 -4.02 0.38
N ALA A 31 -3.15 -4.32 0.53
CA ALA A 31 -4.00 -4.72 -0.56
C ALA A 31 -5.34 -4.03 -0.38
N LEU A 32 -5.88 -3.50 -1.45
CA LEU A 32 -7.17 -2.86 -1.35
C LEU A 32 -8.33 -3.83 -0.97
N SER A 33 -8.13 -5.16 -1.09
CA SER A 33 -9.15 -6.13 -0.80
C SER A 33 -9.16 -6.46 0.68
N CYS A 34 -8.15 -6.02 1.44
CA CYS A 34 -7.96 -6.45 2.83
C CYS A 34 -8.62 -5.52 3.87
N GLY A 35 -9.62 -6.03 4.59
CA GLY A 35 -10.26 -5.22 5.64
C GLY A 35 -9.30 -4.71 6.70
N HIS A 36 -8.30 -5.49 7.04
CA HIS A 36 -7.28 -5.11 7.98
C HIS A 36 -6.51 -3.88 7.49
N CYS A 37 -6.15 -3.86 6.20
CA CYS A 37 -5.44 -2.73 5.66
C CYS A 37 -6.31 -1.51 5.67
N ARG A 38 -7.61 -1.71 5.41
CA ARG A 38 -8.58 -0.64 5.43
C ARG A 38 -8.63 0.04 6.82
N ASN A 39 -8.63 -0.77 7.87
CA ASN A 39 -8.77 -0.30 9.23
C ASN A 39 -7.44 0.29 9.71
N GLU A 41 -5.45 2.13 7.89
CA GLU A 41 -5.43 3.52 7.39
C GLU A 41 -5.65 4.50 8.52
N ASN A 42 -6.57 4.14 9.44
CA ASN A 42 -7.00 4.97 10.53
C ASN A 42 -5.85 5.24 11.53
N PHE A 43 -4.89 4.34 11.64
CA PHE A 43 -3.74 4.42 12.59
C PHE A 43 -2.42 4.95 11.97
N LEU A 44 -2.44 5.16 10.66
CA LEU A 44 -1.28 5.63 9.93
C LEU A 44 -0.80 7.01 10.39
N PRO A 45 -1.75 7.94 10.66
CA PRO A 45 -1.29 9.25 11.22
C PRO A 45 -0.48 9.12 12.49
N VAL A 46 -0.94 8.25 13.39
CA VAL A 46 -0.21 8.08 14.65
C VAL A 46 1.12 7.39 14.44
N ILE A 47 1.17 6.39 13.57
CA ILE A 47 2.41 5.65 13.36
C ILE A 47 3.44 6.58 12.66
N SER A 48 2.96 7.38 11.73
CA SER A 48 3.83 8.25 10.96
C SER A 48 4.44 9.32 11.92
N GLN A 49 3.59 9.86 12.78
CA GLN A 49 4.08 10.81 13.76
C GLN A 49 5.12 10.28 14.76
N GLU A 50 4.84 9.16 15.42
N GLU A 50 4.82 9.18 15.44
CA GLU A 50 5.81 8.55 16.36
CA GLU A 50 5.81 8.54 16.31
C GLU A 50 7.05 7.90 15.71
C GLU A 50 7.10 8.19 15.59
N ALA A 51 6.99 7.58 14.41
CA ALA A 51 8.17 7.01 13.71
C ALA A 51 9.06 8.13 13.16
N GLY A 52 8.41 9.27 12.92
CA GLY A 52 9.02 10.54 12.58
C GLY A 52 9.37 10.62 11.11
N THR A 53 8.53 10.07 10.25
CA THR A 53 8.77 10.09 8.81
C THR A 53 7.45 9.80 8.09
N ASP A 54 7.42 10.15 6.79
N ASP A 54 7.40 10.14 6.80
CA ASP A 54 6.29 9.82 5.93
CA ASP A 54 6.22 9.81 6.04
C ASP A 54 6.26 8.31 5.72
C ASP A 54 6.25 8.30 5.75
N ILE A 55 5.09 7.74 5.43
CA ILE A 55 5.00 6.33 5.10
C ILE A 55 4.50 6.22 3.67
N GLY A 56 5.34 5.67 2.78
CA GLY A 56 4.94 5.29 1.43
C GLY A 56 4.01 4.08 1.40
N LYS A 57 3.48 3.77 0.20
CA LYS A 57 2.66 2.61 0.01
C LYS A 57 3.10 1.77 -1.20
N HIS A 59 1.24 -1.51 -3.29
CA HIS A 59 0.12 -2.46 -3.44
C HIS A 59 0.60 -3.85 -3.86
N ILE A 60 0.42 -4.84 -3.00
CA ILE A 60 0.79 -6.23 -3.33
C ILE A 60 -0.28 -6.91 -4.19
N THR A 61 0.07 -8.00 -4.90
CA THR A 61 -0.91 -8.85 -5.63
C THR A 61 -0.72 -10.35 -5.38
N PHE A 62 -1.78 -11.03 -4.93
CA PHE A 62 -1.70 -12.45 -4.59
C PHE A 62 -2.39 -13.34 -5.62
N ASN A 63 -3.23 -12.70 -6.44
CA ASN A 63 -3.91 -13.39 -7.55
C ASN A 63 -4.25 -12.38 -8.63
N GLN A 64 -4.73 -12.90 -9.76
N GLN A 64 -4.72 -12.88 -9.76
CA GLN A 64 -5.05 -12.09 -10.94
CA GLN A 64 -4.98 -12.04 -10.93
C GLN A 64 -6.09 -11.04 -10.64
C GLN A 64 -6.15 -11.08 -10.73
N SER A 65 -7.08 -11.44 -9.83
CA SER A 65 -8.25 -10.61 -9.53
C SER A 65 -7.73 -9.33 -8.94
N ALA A 66 -6.76 -9.50 -8.05
CA ALA A 66 -6.04 -8.39 -7.41
C ALA A 66 -5.29 -7.43 -8.35
N HIS A 67 -4.98 -7.84 -9.59
N HIS A 67 -5.02 -7.86 -9.59
CA HIS A 67 -4.30 -6.93 -10.53
CA HIS A 67 -4.38 -7.00 -10.59
C HIS A 67 -5.22 -5.79 -10.94
C HIS A 67 -5.24 -5.80 -10.88
N ILE A 68 -6.53 -6.04 -10.91
CA ILE A 68 -7.48 -4.95 -11.12
C ILE A 68 -7.44 -3.87 -10.01
N ALA A 69 -7.40 -4.32 -8.76
CA ALA A 69 -7.26 -3.43 -7.61
C ALA A 69 -5.97 -2.64 -7.71
N SER A 70 -4.88 -3.35 -7.99
CA SER A 70 -3.59 -2.69 -8.15
C SER A 70 -3.55 -1.62 -9.30
N PHE A 72 -6.28 0.21 -10.29
CA PHE A 72 -6.97 1.36 -9.75
C PHE A 72 -6.11 2.14 -8.74
N TYR A 73 -5.37 1.42 -7.88
CA TYR A 73 -4.56 2.09 -6.92
C TYR A 73 -3.44 2.96 -7.60
N TYR A 74 -2.71 2.39 -8.55
CA TYR A 74 -1.58 3.08 -9.18
C TYR A 74 -2.10 4.17 -10.10
N ALA A 75 -3.31 3.95 -10.65
CA ALA A 75 -3.99 5.02 -11.36
C ALA A 75 -4.27 6.27 -10.44
N ALA A 76 -4.62 6.03 -9.17
CA ALA A 76 -4.79 7.05 -8.15
C ALA A 76 -3.46 7.65 -7.79
N GLU A 77 -2.53 6.79 -7.45
CA GLU A 77 -1.26 7.27 -6.98
C GLU A 77 -0.57 8.21 -7.95
N GLN A 79 -1.63 10.33 -10.08
CA GLN A 79 -2.32 11.60 -10.34
C GLN A 79 -2.29 12.55 -9.14
N VAL A 80 -1.74 12.10 -8.01
CA VAL A 80 -1.56 12.93 -6.82
C VAL A 80 -0.13 12.95 -6.35
N ASP A 81 0.19 13.97 -5.56
N ASP A 81 0.25 14.01 -5.62
CA ASP A 81 1.50 14.09 -4.96
CA ASP A 81 1.60 14.03 -5.06
C ASP A 81 1.55 13.09 -3.80
C ASP A 81 1.57 13.08 -3.86
N GLY A 82 2.59 12.24 -3.77
CA GLY A 82 2.70 11.18 -2.77
C GLY A 82 1.69 10.05 -3.03
N ALA A 83 1.31 9.35 -1.96
CA ALA A 83 0.28 8.33 -2.08
C ALA A 83 -1.06 9.05 -1.89
N PRO A 84 -2.15 8.45 -2.36
CA PRO A 84 -3.48 9.00 -2.14
C PRO A 84 -3.76 9.19 -0.65
N ASP A 85 -4.42 10.28 -0.31
CA ASP A 85 -4.71 10.56 1.10
C ASP A 85 -5.71 9.59 1.72
N HIS A 86 -5.86 9.65 3.05
N HIS A 86 -5.83 9.66 3.06
CA HIS A 86 -6.73 8.71 3.75
CA HIS A 86 -6.77 8.84 3.85
C HIS A 86 -8.17 8.74 3.22
C HIS A 86 -8.15 8.75 3.22
N ALA A 87 -8.71 9.89 2.82
CA ALA A 87 -10.09 9.86 2.26
C ALA A 87 -10.21 9.22 0.85
N PHE A 88 -9.19 9.42 0.01
CA PHE A 88 -9.19 8.82 -1.32
C PHE A 88 -9.00 7.31 -1.08
N GLU A 90 -10.01 5.55 1.41
CA GLU A 90 -11.26 4.98 1.90
C GLU A 90 -12.21 4.66 0.75
N ASP A 91 -12.38 5.59 -0.18
N ASP A 91 -12.38 5.59 -0.18
CA ASP A 91 -13.19 5.32 -1.37
CA ASP A 91 -13.17 5.33 -1.36
C ASP A 91 -12.70 4.09 -2.16
C ASP A 91 -12.71 4.09 -2.15
N LEU A 92 -11.39 3.94 -2.32
CA LEU A 92 -10.85 2.77 -3.06
C LEU A 92 -11.03 1.46 -2.29
N PHE A 93 -10.90 1.50 -0.97
CA PHE A 93 -11.11 0.31 -0.13
C PHE A 93 -12.56 -0.10 -0.22
N ALA A 94 -13.41 0.89 -0.07
CA ALA A 94 -14.84 0.64 -0.06
C ALA A 94 -15.26 0.01 -1.41
N ALA A 95 -14.78 0.53 -2.53
CA ALA A 95 -15.09 -0.07 -3.84
C ALA A 95 -14.62 -1.51 -3.97
N THR A 96 -13.43 -1.80 -3.49
CA THR A 96 -12.87 -3.15 -3.60
C THR A 96 -13.58 -4.19 -2.74
N GLN A 97 -14.15 -3.75 -1.60
CA GLN A 97 -14.74 -4.66 -0.61
C GLN A 97 -16.25 -4.47 -0.55
N GLY A 99 -18.31 -6.71 -1.58
CA GLY A 99 -18.79 -8.00 -1.10
C GLY A 99 -19.76 -8.70 -2.04
N GLU A 100 -20.33 -9.80 -1.54
CA GLU A 100 -20.91 -10.86 -2.37
C GLU A 100 -22.18 -10.48 -3.18
N GLY A 101 -23.06 -9.62 -2.64
CA GLY A 101 -24.30 -9.22 -3.35
C GLY A 101 -24.15 -8.09 -4.37
N THR A 102 -22.90 -7.76 -4.71
CA THR A 102 -22.54 -6.67 -5.62
C THR A 102 -22.07 -7.27 -6.93
N THR A 103 -22.40 -6.63 -8.05
CA THR A 103 -21.93 -7.07 -9.36
C THR A 103 -20.54 -6.44 -9.67
N LEU A 104 -19.81 -7.04 -10.60
CA LEU A 104 -18.56 -6.47 -11.09
C LEU A 104 -18.81 -5.04 -11.62
N THR A 105 -19.97 -4.84 -12.25
CA THR A 105 -20.38 -3.50 -12.73
C THR A 105 -20.59 -2.39 -11.67
N GLU A 106 -21.28 -2.72 -10.58
CA GLU A 106 -21.43 -1.81 -9.44
C GLU A 106 -20.09 -1.44 -8.81
N GLN A 107 -19.20 -2.42 -8.71
CA GLN A 107 -17.82 -2.18 -8.25
C GLN A 107 -17.07 -1.19 -9.14
N GLN A 108 -17.06 -1.46 -10.43
CA GLN A 108 -16.50 -0.55 -11.42
C GLN A 108 -17.07 0.88 -11.33
N GLU A 109 -18.38 1.06 -11.10
N GLU A 109 -18.39 0.99 -11.12
CA GLU A 109 -18.90 2.44 -11.00
CA GLU A 109 -19.05 2.28 -10.89
C GLU A 109 -18.48 3.11 -9.69
C GLU A 109 -18.36 3.03 -9.77
N ALA A 110 -18.11 2.32 -8.68
CA ALA A 110 -17.65 2.92 -7.42
C ALA A 110 -16.18 3.33 -7.54
N TYR A 111 -15.39 2.47 -8.17
CA TYR A 111 -14.05 2.82 -8.57
C TYR A 111 -14.04 4.10 -9.38
N SER A 112 -14.80 4.13 -10.44
CA SER A 112 -14.79 5.29 -11.33
C SER A 112 -15.16 6.61 -10.61
N LYS A 113 -16.19 6.55 -9.76
CA LYS A 113 -16.60 7.70 -8.93
C LYS A 113 -15.47 8.29 -8.06
N ALA A 114 -14.70 7.42 -7.42
CA ALA A 114 -13.58 7.91 -6.62
C ALA A 114 -12.67 8.91 -7.37
N PHE A 115 -12.50 8.71 -8.69
CA PHE A 115 -11.63 9.57 -9.49
C PHE A 115 -12.33 10.86 -9.88
N THR A 116 -13.46 10.70 -10.55
CA THR A 116 -14.17 11.82 -11.12
C THR A 116 -14.63 12.78 -10.04
N SER A 117 -15.09 12.25 -8.91
CA SER A 117 -15.55 13.13 -7.84
C SER A 117 -14.43 14.04 -7.29
N ARG A 118 -13.14 13.70 -7.50
CA ARG A 118 -12.03 14.61 -7.13
C ARG A 118 -11.32 15.26 -8.32
N GLY A 119 -11.97 15.26 -9.48
CA GLY A 119 -11.42 15.93 -10.66
C GLY A 119 -10.24 15.25 -11.30
N LEU A 120 -10.10 13.94 -11.09
CA LEU A 120 -9.03 13.18 -11.68
C LEU A 120 -9.58 12.33 -12.84
N VAL A 121 -8.69 11.76 -13.63
CA VAL A 121 -9.09 10.93 -14.76
C VAL A 121 -9.22 9.45 -14.36
N SER A 122 -10.35 8.82 -14.70
N SER A 122 -10.36 8.83 -14.68
CA SER A 122 -10.56 7.39 -14.45
CA SER A 122 -10.53 7.39 -14.43
C SER A 122 -9.71 6.60 -15.46
C SER A 122 -9.70 6.60 -15.45
N PRO A 123 -9.07 5.48 -15.02
CA PRO A 123 -8.15 4.78 -15.93
C PRO A 123 -8.75 4.37 -17.23
N TYR A 124 -10.02 4.02 -17.27
CA TYR A 124 -10.57 3.68 -18.58
C TYR A 124 -10.40 4.84 -19.58
N ASP A 125 -10.48 6.08 -19.09
CA ASP A 125 -10.32 7.28 -19.95
C ASP A 125 -8.89 7.74 -20.14
N PHE A 126 -7.92 7.01 -19.67
CA PHE A 126 -6.54 7.42 -19.86
C PHE A 126 -6.24 7.53 -21.37
N ASN A 127 -5.27 8.38 -21.67
CA ASN A 127 -4.70 8.47 -23.00
C ASN A 127 -3.48 7.58 -23.05
N GLU A 128 -2.86 7.51 -24.23
CA GLU A 128 -1.70 6.70 -24.42
C GLU A 128 -0.56 6.92 -23.45
N GLU A 129 -0.25 8.17 -23.17
N GLU A 129 -0.23 8.15 -23.14
CA GLU A 129 0.81 8.50 -22.20
CA GLU A 129 0.88 8.37 -22.21
C GLU A 129 0.50 7.98 -20.78
C GLU A 129 0.53 7.99 -20.74
N GLN A 130 -0.71 8.23 -20.33
CA GLN A 130 -1.15 7.79 -19.00
C GLN A 130 -1.07 6.25 -18.87
N ARG A 131 -1.55 5.54 -19.90
N ARG A 131 -1.56 5.54 -19.91
CA ARG A 131 -1.51 4.09 -19.90
CA ARG A 131 -1.50 4.07 -19.93
C ARG A 131 -0.10 3.55 -19.76
C ARG A 131 -0.10 3.55 -19.75
N ASP A 132 0.83 4.20 -20.45
CA ASP A 132 2.25 3.87 -20.37
C ASP A 132 2.82 4.08 -18.99
N THR A 133 2.45 5.18 -18.34
CA THR A 133 2.88 5.45 -16.98
C THR A 133 2.30 4.38 -16.03
N LEU A 134 1.01 4.09 -16.19
CA LEU A 134 0.33 3.10 -15.33
C LEU A 134 0.95 1.68 -15.40
N ILE A 135 1.22 1.19 -16.63
CA ILE A 135 1.81 -0.13 -16.84
C ILE A 135 3.12 -0.20 -16.15
N LYS A 136 3.91 0.83 -16.29
CA LYS A 136 5.23 0.83 -15.62
C LYS A 136 5.12 0.74 -14.08
N LYS A 137 4.18 1.46 -13.51
CA LYS A 137 3.93 1.43 -12.05
C LYS A 137 3.42 0.08 -11.53
N VAL A 138 2.42 -0.50 -12.22
CA VAL A 138 1.89 -1.81 -11.84
C VAL A 138 3.01 -2.86 -11.97
N ASP A 139 3.77 -2.80 -13.05
CA ASP A 139 4.79 -3.81 -13.28
C ASP A 139 5.90 -3.72 -12.23
N ASN A 140 6.27 -2.51 -11.83
CA ASN A 140 7.21 -2.35 -10.75
C ASN A 140 6.70 -2.92 -9.42
N ALA A 141 5.45 -2.62 -9.08
CA ALA A 141 4.84 -3.19 -7.90
C ALA A 141 4.87 -4.71 -7.96
N LYS A 142 4.50 -5.26 -9.12
CA LYS A 142 4.47 -6.71 -9.29
C LYS A 142 5.88 -7.30 -9.09
N LEU A 144 8.39 -5.94 -7.31
CA LEU A 144 8.85 -5.74 -5.95
C LEU A 144 8.12 -6.73 -5.04
N SER A 145 6.82 -6.91 -5.29
CA SER A 145 6.05 -7.89 -4.54
C SER A 145 6.63 -9.26 -4.58
N GLU A 146 6.89 -9.74 -5.79
CA GLU A 146 7.30 -11.10 -5.97
C GLU A 146 8.69 -11.26 -5.39
N LYS A 147 9.54 -10.24 -5.55
CA LYS A 147 10.91 -10.27 -5.00
C LYS A 147 10.95 -10.31 -3.46
N SER A 148 10.07 -9.56 -2.83
CA SER A 148 9.95 -9.50 -1.38
C SER A 148 9.45 -10.79 -0.69
N GLY A 149 8.69 -11.62 -1.40
CA GLY A 149 8.08 -12.80 -0.82
C GLY A 149 7.02 -12.55 0.27
N ILE A 150 6.57 -11.32 0.43
CA ILE A 150 5.67 -10.98 1.54
C ILE A 150 4.33 -11.71 1.33
N SER A 151 3.84 -12.31 2.40
N SER A 151 3.81 -12.30 2.40
CA SER A 151 2.54 -13.01 2.39
CA SER A 151 2.52 -12.99 2.32
C SER A 151 1.42 -12.27 3.13
C SER A 151 1.45 -12.49 3.32
N SER A 152 1.79 -11.51 4.15
CA SER A 152 0.87 -11.01 5.14
C SER A 152 0.80 -9.47 5.16
N VAL A 153 -0.40 -8.94 4.96
CA VAL A 153 -0.63 -7.50 4.92
C VAL A 153 -1.74 -7.16 5.89
N PRO A 154 -1.73 -5.93 6.43
CA PRO A 154 -0.79 -4.87 6.13
C PRO A 154 0.52 -5.15 6.80
N THR A 155 1.60 -4.65 6.23
CA THR A 155 2.90 -4.70 6.93
C THR A 155 3.77 -3.53 6.58
N PHE A 156 4.93 -3.37 7.24
CA PHE A 156 5.73 -2.20 7.00
C PHE A 156 7.12 -2.61 6.70
N VAL A 157 7.65 -2.14 5.56
CA VAL A 157 9.01 -2.46 5.14
C VAL A 157 9.89 -1.24 5.37
N VAL A 158 11.04 -1.47 5.97
CA VAL A 158 11.93 -0.33 6.33
C VAL A 158 13.25 -0.48 5.60
N ASN A 159 13.54 0.55 4.82
CA ASN A 159 14.67 0.63 3.89
C ASN A 159 14.83 -0.59 2.98
N GLY A 160 13.71 -1.16 2.56
CA GLY A 160 13.66 -2.27 1.69
C GLY A 160 14.27 -3.56 2.25
N LYS A 161 14.59 -3.57 3.53
CA LYS A 161 15.34 -4.67 4.08
C LYS A 161 14.77 -5.39 5.31
N TYR A 162 13.99 -4.67 6.11
CA TYR A 162 13.33 -5.30 7.26
C TYR A 162 11.84 -5.21 7.08
N ASN A 163 11.16 -6.26 7.49
CA ASN A 163 9.72 -6.28 7.52
C ASN A 163 9.25 -6.32 8.97
N VAL A 164 8.44 -5.36 9.35
CA VAL A 164 7.86 -5.27 10.69
C VAL A 164 6.75 -6.32 10.81
N LEU A 165 6.83 -7.12 11.84
CA LEU A 165 5.83 -8.13 12.14
C LEU A 165 4.79 -7.48 13.03
N ILE A 166 3.64 -7.13 12.50
CA ILE A 166 2.71 -6.36 13.30
C ILE A 166 2.11 -7.24 14.42
N GLY A 167 2.07 -8.54 14.21
CA GLY A 167 1.62 -9.51 15.23
C GLY A 167 2.50 -9.44 16.47
N GLY A 168 3.75 -8.99 16.29
CA GLY A 168 4.69 -8.75 17.39
C GLY A 168 4.58 -7.48 18.24
N HIS A 169 3.53 -6.70 18.02
CA HIS A 169 3.33 -5.41 18.70
C HIS A 169 1.93 -5.37 19.30
N ASP A 170 1.78 -4.75 20.48
CA ASP A 170 0.45 -4.61 21.11
C ASP A 170 -0.39 -3.42 20.58
N ASP A 171 0.25 -2.43 19.98
CA ASP A 171 -0.43 -1.21 19.50
C ASP A 171 0.41 -0.42 18.48
N PRO A 172 -0.16 0.64 17.89
CA PRO A 172 0.52 1.43 16.89
C PRO A 172 1.77 2.14 17.37
N LYS A 173 1.76 2.63 18.60
CA LYS A 173 2.98 3.20 19.16
C LYS A 173 4.17 2.24 19.07
N GLN A 174 3.94 0.98 19.43
CA GLN A 174 5.01 -0.02 19.40
C GLN A 174 5.44 -0.26 17.96
N ILE A 175 4.50 -0.28 17.01
CA ILE A 175 4.90 -0.43 15.58
C ILE A 175 5.81 0.73 15.17
N ALA A 176 5.42 1.96 15.55
CA ALA A 176 6.18 3.16 15.22
C ALA A 176 7.57 3.13 15.82
N ASP A 177 7.68 2.58 17.03
CA ASP A 177 8.94 2.49 17.76
C ASP A 177 9.90 1.52 17.11
N THR A 178 9.38 0.38 16.68
CA THR A 178 10.16 -0.61 15.90
C THR A 178 10.61 0.03 14.59
N ILE A 179 9.72 0.72 13.89
CA ILE A 179 10.15 1.39 12.65
C ILE A 179 11.33 2.33 12.91
N ARG A 180 11.24 3.13 13.98
CA ARG A 180 12.25 4.11 14.28
C ARG A 180 13.55 3.43 14.58
N TYR A 181 13.48 2.41 15.39
CA TYR A 181 14.68 1.61 15.76
C TYR A 181 15.38 1.09 14.50
N LEU A 182 14.61 0.53 13.59
CA LEU A 182 15.16 0.03 12.32
C LEU A 182 15.73 1.14 11.44
N LEU A 183 15.08 2.30 11.46
CA LEU A 183 15.61 3.43 10.70
C LEU A 183 16.92 3.91 11.36
N GLU A 184 17.04 3.75 12.67
CA GLU A 184 18.15 4.33 13.46
C GLU A 184 19.34 3.38 13.50
N LYS A 185 19.33 2.37 12.61
CA LYS A 185 20.52 1.55 12.39
C LYS A 185 21.39 2.22 11.34
#